data_5MKP
#
_entry.id   5MKP
#
_cell.length_a   70.120
_cell.length_b   70.120
_cell.length_c   127.900
_cell.angle_alpha   90.00
_cell.angle_beta   90.00
_cell.angle_gamma   90.00
#
_symmetry.space_group_name_H-M   'P 43 21 2'
#
loop_
_entity.id
_entity.type
_entity.pdbx_description
1 polymer PH0300
2 non-polymer 'ZINC ION'
3 non-polymer 'Fe4 H S5'
4 water water
#
_entity_poly.entity_id   1
_entity_poly.type   'polypeptide(L)'
_entity_poly.pdbx_seq_one_letter_code
;GSSMKCKFCSREAYIKIHYPKMYLCEEHFKEYFERKVSRTIERYKLLTKDERILVAVSGGKDSAVTAYVLKKLGYNIECL
HINLGISGYSEKSEEYAKKQCKLIGAPLHIVRIKEILGYGIGEVKTRRPPCSYCGLTKRYIMNKFAYDNGFDAIATGHNL
DDEASFLLNNILHWNTEYLAKGGPILPQQGKFIKKVKPLYEVTEREVVAYALAVGLEYIVEECPYARGATTLDMKGVLNE
LEEKRPGTKFNFVRGYLKKKKLFEPEIKEKEIKECKICRMPSSGDICAFCKFWGLKKEINFKVSSTDEEPFGP
;
_entity_poly.pdbx_strand_id   A
#
loop_
_chem_comp.id
_chem_comp.type
_chem_comp.name
_chem_comp.formula
Q46 non-polymer 'Fe4 H S5' 'Fe4 H S5 4'
ZN non-polymer 'ZINC ION' 'Zn 2'
#
# COMPACT_ATOMS: atom_id res chain seq x y z
N SER A 3 12.95 -2.43 -31.87
CA SER A 3 11.93 -3.25 -31.21
C SER A 3 12.56 -4.27 -30.27
N MET A 4 13.48 -5.10 -30.79
CA MET A 4 14.16 -6.15 -30.03
C MET A 4 15.23 -5.66 -29.05
N LYS A 5 15.86 -4.49 -29.30
CA LYS A 5 16.96 -4.00 -28.46
C LYS A 5 16.65 -2.74 -27.63
N CYS A 6 17.37 -2.59 -26.47
CA CYS A 6 17.28 -1.47 -25.54
C CYS A 6 17.72 -0.15 -26.21
N LYS A 7 17.09 0.95 -25.80
CA LYS A 7 17.37 2.30 -26.29
C LYS A 7 18.76 2.79 -25.83
N PHE A 8 19.15 2.52 -24.57
CA PHE A 8 20.42 2.97 -23.99
C PHE A 8 21.58 1.98 -24.11
N CYS A 9 21.33 0.72 -24.52
CA CYS A 9 22.39 -0.27 -24.72
C CYS A 9 22.09 -1.29 -25.84
N SER A 10 22.99 -2.29 -26.05
CA SER A 10 22.89 -3.32 -27.07
CA SER A 10 22.86 -3.31 -27.07
C SER A 10 22.23 -4.61 -26.54
N ARG A 11 21.81 -4.61 -25.25
CA ARG A 11 21.16 -5.75 -24.61
C ARG A 11 19.72 -5.88 -25.14
N GLU A 12 19.13 -7.10 -25.06
CA GLU A 12 17.75 -7.39 -25.48
C GLU A 12 16.76 -6.58 -24.65
N ALA A 13 15.69 -6.07 -25.28
CA ALA A 13 14.65 -5.31 -24.60
C ALA A 13 13.82 -6.23 -23.71
N TYR A 14 13.53 -5.76 -22.50
CA TYR A 14 12.75 -6.49 -21.51
C TYR A 14 11.28 -6.09 -21.54
N ILE A 15 11.03 -4.78 -21.65
CA ILE A 15 9.70 -4.19 -21.64
C ILE A 15 9.68 -2.93 -22.54
N LYS A 16 8.46 -2.47 -22.91
CA LYS A 16 8.26 -1.25 -23.71
C LYS A 16 7.58 -0.20 -22.84
N ILE A 17 8.27 0.94 -22.63
CA ILE A 17 7.85 2.09 -21.84
C ILE A 17 7.25 3.15 -22.76
N HIS A 18 5.99 3.53 -22.47
CA HIS A 18 5.20 4.48 -23.26
C HIS A 18 5.61 5.93 -23.11
N TYR A 19 5.97 6.38 -21.87
CA TYR A 19 6.33 7.78 -21.61
C TYR A 19 7.67 7.94 -20.85
N PRO A 20 8.77 8.34 -21.57
CA PRO A 20 8.86 8.58 -23.03
C PRO A 20 8.81 7.26 -23.81
N LYS A 21 8.58 7.32 -25.15
CA LYS A 21 8.56 6.11 -25.99
C LYS A 21 9.97 5.49 -26.01
N MET A 22 10.08 4.23 -25.49
CA MET A 22 11.37 3.52 -25.39
C MET A 22 11.26 2.04 -25.02
N TYR A 23 12.16 1.24 -25.61
CA TYR A 23 12.33 -0.17 -25.28
C TYR A 23 13.53 -0.20 -24.34
N LEU A 24 13.35 -0.85 -23.19
CA LEU A 24 14.40 -0.91 -22.18
C LEU A 24 14.73 -2.32 -21.81
N CYS A 25 16.02 -2.57 -21.58
CA CYS A 25 16.54 -3.86 -21.12
C CYS A 25 16.21 -3.96 -19.62
N GLU A 26 16.41 -5.15 -19.03
CA GLU A 26 16.14 -5.42 -17.61
C GLU A 26 16.77 -4.39 -16.67
N GLU A 27 18.04 -4.03 -16.90
CA GLU A 27 18.76 -3.12 -16.03
C GLU A 27 18.40 -1.67 -16.23
N HIS A 28 18.12 -1.27 -17.47
CA HIS A 28 17.68 0.10 -17.77
C HIS A 28 16.24 0.35 -17.35
N PHE A 29 15.44 -0.73 -17.25
CA PHE A 29 14.06 -0.66 -16.76
C PHE A 29 14.10 -0.40 -15.25
N LYS A 30 14.93 -1.19 -14.52
CA LYS A 30 15.13 -1.07 -13.06
C LYS A 30 15.47 0.39 -12.72
N GLU A 31 16.40 1.00 -13.51
CA GLU A 31 16.87 2.39 -13.35
C GLU A 31 15.70 3.34 -13.60
N TYR A 32 15.01 3.21 -14.76
CA TYR A 32 13.83 3.99 -15.13
C TYR A 32 12.84 4.02 -13.97
N PHE A 33 12.47 2.81 -13.48
CA PHE A 33 11.51 2.58 -12.41
C PHE A 33 11.88 3.29 -11.12
N GLU A 34 13.11 3.06 -10.63
CA GLU A 34 13.66 3.64 -9.41
C GLU A 34 13.68 5.18 -9.46
N ARG A 35 14.09 5.76 -10.62
CA ARG A 35 14.11 7.20 -10.89
C ARG A 35 12.70 7.79 -10.86
N LYS A 36 11.71 7.03 -11.38
CA LYS A 36 10.29 7.39 -11.41
C LYS A 36 9.75 7.48 -9.98
N VAL A 37 10.06 6.48 -9.15
CA VAL A 37 9.66 6.46 -7.73
C VAL A 37 10.34 7.63 -7.00
N SER A 38 11.65 7.81 -7.23
CA SER A 38 12.47 8.90 -6.68
C SER A 38 11.86 10.28 -6.98
N ARG A 39 11.36 10.50 -8.21
CA ARG A 39 10.75 11.76 -8.62
C ARG A 39 9.41 11.97 -7.95
N THR A 40 8.60 10.89 -7.78
CA THR A 40 7.32 10.91 -7.07
C THR A 40 7.56 11.40 -5.63
N ILE A 41 8.60 10.85 -4.95
CA ILE A 41 8.96 11.23 -3.59
C ILE A 41 9.25 12.73 -3.50
N GLU A 42 10.15 13.28 -4.35
CA GLU A 42 10.53 14.70 -4.38
C GLU A 42 9.38 15.61 -4.76
N ARG A 43 8.57 15.21 -5.77
CA ARG A 43 7.45 15.98 -6.32
C ARG A 43 6.41 16.28 -5.26
N TYR A 44 5.96 15.26 -4.55
CA TYR A 44 4.93 15.40 -3.55
C TYR A 44 5.50 15.56 -2.14
N LYS A 45 6.84 15.69 -2.01
CA LYS A 45 7.59 15.85 -0.75
C LYS A 45 7.14 14.74 0.24
N LEU A 46 7.08 13.50 -0.28
CA LEU A 46 6.62 12.31 0.43
C LEU A 46 7.48 11.93 1.61
N LEU A 47 8.81 11.84 1.41
CA LEU A 47 9.77 11.42 2.45
C LEU A 47 11.08 12.19 2.39
N THR A 48 11.86 12.08 3.47
CA THR A 48 13.21 12.61 3.65
C THR A 48 14.03 11.45 4.21
N LYS A 49 15.34 11.43 3.92
CA LYS A 49 16.21 10.34 4.35
C LYS A 49 16.46 10.27 5.87
N ASP A 50 16.08 11.31 6.64
CA ASP A 50 16.21 11.31 8.10
C ASP A 50 15.09 10.46 8.75
N GLU A 51 13.95 10.27 8.04
CA GLU A 51 12.77 9.56 8.54
C GLU A 51 12.89 8.04 8.67
N ARG A 52 12.26 7.50 9.73
CA ARG A 52 12.12 6.08 10.01
C ARG A 52 10.76 5.69 9.40
N ILE A 53 10.82 4.95 8.29
CA ILE A 53 9.66 4.55 7.48
C ILE A 53 9.22 3.11 7.74
N LEU A 54 7.90 2.89 7.92
CA LEU A 54 7.32 1.57 8.07
C LEU A 54 6.62 1.21 6.76
N VAL A 55 7.00 0.07 6.18
CA VAL A 55 6.37 -0.37 4.94
C VAL A 55 5.39 -1.48 5.32
N ALA A 56 4.10 -1.30 4.99
CA ALA A 56 3.08 -2.32 5.25
C ALA A 56 3.25 -3.39 4.16
N VAL A 57 3.86 -4.55 4.48
CA VAL A 57 4.09 -5.60 3.48
C VAL A 57 3.07 -6.77 3.66
N SER A 58 2.26 -6.98 2.62
CA SER A 58 1.19 -7.97 2.59
C SER A 58 1.62 -9.33 2.02
N GLY A 59 2.75 -9.34 1.32
CA GLY A 59 3.25 -10.51 0.63
C GLY A 59 2.95 -10.40 -0.86
N GLY A 60 2.21 -9.34 -1.22
CA GLY A 60 1.89 -9.00 -2.60
C GLY A 60 3.02 -8.24 -3.24
N LYS A 61 2.96 -8.04 -4.56
CA LYS A 61 4.01 -7.38 -5.32
C LYS A 61 4.22 -5.91 -5.02
N ASP A 62 3.14 -5.18 -4.79
CA ASP A 62 3.12 -3.73 -4.60
C ASP A 62 3.90 -3.25 -3.39
N SER A 63 3.66 -3.84 -2.21
CA SER A 63 4.40 -3.59 -0.97
C SER A 63 5.83 -4.17 -1.03
N ALA A 64 6.02 -5.31 -1.72
CA ALA A 64 7.34 -5.92 -1.88
C ALA A 64 8.24 -4.95 -2.65
N VAL A 65 7.74 -4.44 -3.81
CA VAL A 65 8.41 -3.49 -4.69
C VAL A 65 8.64 -2.16 -3.95
N THR A 66 7.65 -1.67 -3.18
CA THR A 66 7.77 -0.42 -2.41
C THR A 66 8.95 -0.51 -1.49
N ALA A 67 8.97 -1.56 -0.65
CA ALA A 67 10.04 -1.81 0.30
C ALA A 67 11.40 -1.98 -0.39
N TYR A 68 11.45 -2.71 -1.51
CA TYR A 68 12.67 -2.95 -2.29
C TYR A 68 13.26 -1.63 -2.83
N VAL A 69 12.46 -0.81 -3.54
CA VAL A 69 12.89 0.46 -4.16
C VAL A 69 13.31 1.49 -3.10
N LEU A 70 12.57 1.62 -1.95
CA LEU A 70 12.96 2.53 -0.86
C LEU A 70 14.32 2.15 -0.25
N LYS A 71 14.55 0.84 -0.10
CA LYS A 71 15.83 0.34 0.41
C LYS A 71 16.94 0.66 -0.59
N LYS A 72 16.70 0.44 -1.91
CA LYS A 72 17.69 0.70 -2.95
C LYS A 72 18.03 2.20 -3.05
N LEU A 73 17.02 3.05 -2.85
CA LEU A 73 17.16 4.50 -2.90
C LEU A 73 17.90 5.06 -1.71
N GLY A 74 18.03 4.26 -0.66
CA GLY A 74 18.76 4.63 0.55
C GLY A 74 17.94 5.16 1.70
N TYR A 75 16.66 4.76 1.79
CA TYR A 75 15.79 5.21 2.87
C TYR A 75 15.93 4.29 4.10
N ASN A 76 15.61 4.81 5.29
CA ASN A 76 15.65 3.99 6.51
C ASN A 76 14.28 3.29 6.65
N ILE A 77 14.19 2.05 6.18
CA ILE A 77 12.92 1.34 6.22
C ILE A 77 12.93 0.10 7.07
N GLU A 78 11.79 -0.17 7.70
CA GLU A 78 11.44 -1.35 8.47
C GLU A 78 10.11 -1.76 7.92
N CYS A 79 9.78 -3.07 7.96
CA CYS A 79 8.55 -3.59 7.40
C CYS A 79 7.63 -4.17 8.43
N LEU A 80 6.32 -4.09 8.16
CA LEU A 80 5.27 -4.66 8.99
C LEU A 80 4.38 -5.58 8.15
N HIS A 81 4.27 -6.87 8.54
CA HIS A 81 3.35 -7.82 7.91
C HIS A 81 2.23 -8.14 8.85
N ILE A 82 0.99 -7.89 8.40
CA ILE A 82 -0.20 -8.20 9.17
C ILE A 82 -0.77 -9.52 8.67
N ASN A 83 -0.61 -10.56 9.49
CA ASN A 83 -1.17 -11.88 9.23
C ASN A 83 -2.65 -11.84 9.69
N LEU A 84 -3.56 -12.04 8.71
CA LEU A 84 -5.03 -12.05 8.85
C LEU A 84 -5.64 -13.35 9.41
N GLY A 85 -4.82 -14.38 9.58
CA GLY A 85 -5.25 -15.67 10.12
C GLY A 85 -6.29 -16.41 9.31
N ILE A 86 -6.23 -16.27 7.96
CA ILE A 86 -7.09 -16.93 6.99
C ILE A 86 -6.45 -18.29 6.68
N SER A 87 -7.04 -19.39 7.23
CA SER A 87 -6.54 -20.76 7.04
C SER A 87 -6.36 -21.05 5.54
N GLY A 88 -5.14 -21.45 5.18
CA GLY A 88 -4.79 -21.79 3.80
C GLY A 88 -4.33 -20.64 2.93
N TYR A 89 -4.23 -19.41 3.52
CA TYR A 89 -3.84 -18.18 2.81
CA TYR A 89 -3.80 -18.23 2.79
C TYR A 89 -2.73 -17.44 3.54
N SER A 90 -3.00 -17.12 4.81
CA SER A 90 -2.17 -16.35 5.72
C SER A 90 -0.80 -16.96 6.01
N GLU A 91 -0.68 -18.28 5.97
CA GLU A 91 0.61 -18.92 6.21
C GLU A 91 1.60 -18.64 5.06
N LYS A 92 1.16 -18.83 3.80
CA LYS A 92 2.00 -18.58 2.63
C LYS A 92 2.22 -17.09 2.41
N SER A 93 1.22 -16.26 2.75
CA SER A 93 1.34 -14.81 2.66
C SER A 93 2.48 -14.30 3.54
N GLU A 94 2.58 -14.81 4.79
CA GLU A 94 3.62 -14.48 5.77
C GLU A 94 4.99 -14.97 5.30
N GLU A 95 5.05 -16.24 4.81
CA GLU A 95 6.24 -16.89 4.27
C GLU A 95 6.78 -16.05 3.07
N TYR A 96 5.88 -15.57 2.19
CA TYR A 96 6.21 -14.70 1.09
C TYR A 96 6.80 -13.36 1.56
N ALA A 97 6.17 -12.71 2.55
CA ALA A 97 6.61 -11.44 3.13
C ALA A 97 7.98 -11.56 3.83
N LYS A 98 8.23 -12.71 4.50
CA LYS A 98 9.53 -12.97 5.15
C LYS A 98 10.64 -13.10 4.10
N LYS A 99 10.37 -13.89 3.01
CA LYS A 99 11.34 -14.14 1.96
C LYS A 99 11.70 -12.86 1.25
N GLN A 100 10.69 -11.97 1.05
CA GLN A 100 10.83 -10.66 0.43
C GLN A 100 11.75 -9.76 1.25
N CYS A 101 11.44 -9.59 2.56
CA CYS A 101 12.20 -8.75 3.48
C CYS A 101 13.63 -9.24 3.72
N LYS A 102 13.87 -10.54 3.57
CA LYS A 102 15.21 -11.15 3.68
C LYS A 102 16.04 -10.69 2.47
N LEU A 103 15.46 -10.77 1.26
CA LEU A 103 16.08 -10.36 0.00
C LEU A 103 16.34 -8.84 0.03
N ILE A 104 15.32 -8.05 0.42
CA ILE A 104 15.39 -6.58 0.58
C ILE A 104 16.46 -6.24 1.65
N GLY A 105 16.52 -7.02 2.71
CA GLY A 105 17.45 -6.78 3.80
C GLY A 105 16.87 -5.77 4.76
N ALA A 106 15.56 -5.87 5.00
CA ALA A 106 14.83 -5.00 5.88
C ALA A 106 14.26 -5.79 7.06
N PRO A 107 14.26 -5.20 8.29
CA PRO A 107 13.65 -5.89 9.44
C PRO A 107 12.14 -6.05 9.24
N LEU A 108 11.60 -7.23 9.58
CA LEU A 108 10.18 -7.53 9.44
C LEU A 108 9.48 -7.83 10.76
N HIS A 109 8.50 -7.00 11.08
CA HIS A 109 7.65 -7.12 12.25
C HIS A 109 6.38 -7.81 11.77
N ILE A 110 5.85 -8.76 12.57
CA ILE A 110 4.65 -9.53 12.24
C ILE A 110 3.65 -9.34 13.34
N VAL A 111 2.37 -9.11 12.95
CA VAL A 111 1.21 -8.97 13.82
C VAL A 111 0.24 -10.06 13.34
N ARG A 112 -0.14 -10.96 14.26
CA ARG A 112 -1.09 -12.04 14.00
C ARG A 112 -2.41 -11.68 14.66
N ILE A 113 -3.38 -11.27 13.84
CA ILE A 113 -4.73 -10.86 14.23
C ILE A 113 -5.39 -11.96 15.07
N LYS A 114 -5.23 -13.23 14.63
CA LYS A 114 -5.80 -14.38 15.31
C LYS A 114 -5.24 -14.50 16.74
N GLU A 115 -3.97 -14.14 16.94
CA GLU A 115 -3.31 -14.16 18.24
C GLU A 115 -3.76 -13.03 19.17
N ILE A 116 -3.85 -11.79 18.67
CA ILE A 116 -4.23 -10.64 19.49
C ILE A 116 -5.74 -10.51 19.71
N LEU A 117 -6.56 -10.86 18.68
CA LEU A 117 -8.01 -10.71 18.73
C LEU A 117 -8.78 -12.02 18.96
N GLY A 118 -8.17 -13.16 18.63
CA GLY A 118 -8.76 -14.48 18.80
C GLY A 118 -9.38 -15.09 17.56
N TYR A 119 -9.68 -14.24 16.58
CA TYR A 119 -10.35 -14.64 15.33
C TYR A 119 -9.61 -14.12 14.09
N GLY A 120 -9.71 -14.88 13.00
CA GLY A 120 -9.18 -14.51 11.70
C GLY A 120 -10.22 -13.77 10.90
N ILE A 121 -9.80 -13.13 9.79
CA ILE A 121 -10.70 -12.42 8.88
C ILE A 121 -11.54 -13.50 8.17
N GLY A 122 -12.85 -13.48 8.39
CA GLY A 122 -13.80 -14.43 7.85
C GLY A 122 -14.21 -15.50 8.86
N GLU A 123 -13.93 -15.26 10.16
CA GLU A 123 -14.22 -16.17 11.26
C GLU A 123 -15.14 -15.53 12.27
N VAL A 124 -15.29 -14.18 12.19
CA VAL A 124 -16.14 -13.34 13.05
C VAL A 124 -17.64 -13.54 12.69
N LYS A 125 -18.49 -13.77 13.72
CA LYS A 125 -19.93 -13.94 13.53
C LYS A 125 -20.61 -12.58 13.17
N THR A 126 -20.60 -12.25 11.86
CA THR A 126 -21.16 -11.01 11.31
C THR A 126 -21.54 -11.20 9.84
N ARG A 127 -22.58 -10.49 9.38
CA ARG A 127 -22.98 -10.54 7.97
C ARG A 127 -22.16 -9.53 7.18
N ARG A 128 -21.39 -8.65 7.89
CA ARG A 128 -20.49 -7.66 7.30
C ARG A 128 -19.41 -8.41 6.50
N PRO A 129 -19.26 -8.07 5.18
CA PRO A 129 -18.26 -8.78 4.35
C PRO A 129 -16.85 -8.71 4.93
N PRO A 130 -16.10 -9.85 4.93
CA PRO A 130 -14.74 -9.86 5.50
C PRO A 130 -13.83 -8.71 5.09
N CYS A 131 -13.89 -8.28 3.83
CA CYS A 131 -13.07 -7.20 3.27
C CYS A 131 -13.25 -5.83 3.94
N SER A 132 -14.49 -5.47 4.34
CA SER A 132 -14.71 -4.16 4.99
C SER A 132 -14.04 -4.05 6.36
N TYR A 133 -14.27 -5.06 7.24
CA TYR A 133 -13.68 -5.07 8.57
C TYR A 133 -12.18 -5.42 8.55
N CYS A 134 -11.71 -6.07 7.46
CA CYS A 134 -10.30 -6.37 7.27
C CYS A 134 -9.53 -5.09 6.98
N GLY A 135 -10.08 -4.25 6.10
CA GLY A 135 -9.50 -2.95 5.74
C GLY A 135 -9.36 -2.05 6.96
N LEU A 136 -10.38 -2.07 7.82
CA LEU A 136 -10.48 -1.35 9.07
C LEU A 136 -9.38 -1.84 10.02
N THR A 137 -9.23 -3.18 10.12
CA THR A 137 -8.28 -3.85 11.01
C THR A 137 -6.85 -3.52 10.58
N LYS A 138 -6.52 -3.74 9.27
CA LYS A 138 -5.18 -3.48 8.71
C LYS A 138 -4.79 -2.02 8.89
N ARG A 139 -5.64 -1.07 8.45
CA ARG A 139 -5.38 0.37 8.56
C ARG A 139 -5.13 0.85 9.98
N TYR A 140 -5.82 0.24 10.96
CA TYR A 140 -5.68 0.57 12.36
C TYR A 140 -4.34 0.05 12.91
N ILE A 141 -4.03 -1.26 12.66
CA ILE A 141 -2.80 -1.93 13.11
C ILE A 141 -1.58 -1.23 12.53
N MET A 142 -1.61 -0.87 11.23
CA MET A 142 -0.53 -0.14 10.55
C MET A 142 -0.22 1.15 11.30
N ASN A 143 -1.27 2.00 11.51
CA ASN A 143 -1.14 3.30 12.17
C ASN A 143 -0.73 3.17 13.62
N LYS A 144 -1.36 2.25 14.38
CA LYS A 144 -1.00 2.06 15.78
C LYS A 144 0.39 1.45 15.96
N PHE A 145 0.78 0.49 15.10
CA PHE A 145 2.14 -0.08 15.18
C PHE A 145 3.19 1.03 14.98
N ALA A 146 2.94 1.90 13.98
CA ALA A 146 3.78 3.03 13.61
C ALA A 146 3.81 4.07 14.71
N TYR A 147 2.64 4.45 15.26
CA TYR A 147 2.57 5.41 16.36
C TYR A 147 3.27 4.86 17.60
N ASP A 148 2.97 3.60 18.01
CA ASP A 148 3.56 2.89 19.16
C ASP A 148 5.07 2.66 19.08
N ASN A 149 5.65 2.69 17.88
CA ASN A 149 7.09 2.46 17.73
C ASN A 149 7.85 3.66 17.21
N GLY A 150 7.21 4.83 17.24
CA GLY A 150 7.82 6.09 16.84
C GLY A 150 8.31 6.19 15.41
N PHE A 151 7.61 5.51 14.46
CA PHE A 151 7.93 5.62 13.05
C PHE A 151 7.36 6.96 12.63
N ASP A 152 8.00 7.61 11.66
CA ASP A 152 7.60 8.93 11.23
C ASP A 152 6.65 8.91 10.07
N ALA A 153 6.66 7.83 9.30
CA ALA A 153 5.85 7.69 8.10
C ALA A 153 5.55 6.24 7.82
N ILE A 154 4.39 6.00 7.15
CA ILE A 154 3.95 4.70 6.67
C ILE A 154 3.94 4.78 5.15
N ALA A 155 4.55 3.80 4.49
CA ALA A 155 4.55 3.72 3.03
C ALA A 155 3.80 2.45 2.60
N THR A 156 2.87 2.61 1.66
CA THR A 156 2.01 1.55 1.11
C THR A 156 2.33 1.39 -0.37
N GLY A 157 2.01 0.24 -0.94
CA GLY A 157 2.31 -0.06 -2.33
C GLY A 157 1.30 0.26 -3.40
N HIS A 158 0.30 1.11 -3.09
CA HIS A 158 -0.70 1.48 -4.09
C HIS A 158 -0.04 2.21 -5.26
N ASN A 159 -0.38 1.76 -6.48
CA ASN A 159 0.15 2.26 -7.74
C ASN A 159 -0.91 3.06 -8.47
N LEU A 160 -0.53 3.70 -9.60
CA LEU A 160 -1.43 4.51 -10.44
C LEU A 160 -2.73 3.78 -10.80
N ASP A 161 -2.63 2.47 -11.11
CA ASP A 161 -3.77 1.63 -11.45
C ASP A 161 -4.68 1.45 -10.22
N ASP A 162 -4.11 1.32 -9.03
CA ASP A 162 -4.90 1.24 -7.82
C ASP A 162 -5.61 2.55 -7.58
N GLU A 163 -4.92 3.70 -7.78
CA GLU A 163 -5.54 5.01 -7.58
C GLU A 163 -6.74 5.25 -8.47
N ALA A 164 -6.54 5.08 -9.79
CA ALA A 164 -7.53 5.23 -10.85
C ALA A 164 -8.73 4.32 -10.64
N SER A 165 -8.50 3.02 -10.25
CA SER A 165 -9.58 2.06 -10.00
C SER A 165 -10.40 2.43 -8.77
N PHE A 166 -9.74 2.86 -7.67
CA PHE A 166 -10.35 3.31 -6.41
CA PHE A 166 -10.50 3.23 -6.49
C PHE A 166 -11.19 4.56 -6.69
N LEU A 167 -10.66 5.44 -7.58
CA LEU A 167 -11.32 6.70 -7.95
C LEU A 167 -12.61 6.43 -8.68
N LEU A 168 -12.55 5.56 -9.71
CA LEU A 168 -13.68 5.18 -10.54
C LEU A 168 -14.79 4.54 -9.74
N ASN A 169 -14.44 3.62 -8.84
CA ASN A 169 -15.41 2.94 -7.99
C ASN A 169 -16.12 3.94 -7.08
N ASN A 170 -15.35 4.84 -6.45
CA ASN A 170 -15.91 5.80 -5.52
C ASN A 170 -16.72 6.87 -6.20
N ILE A 171 -16.40 7.20 -7.46
CA ILE A 171 -17.18 8.17 -8.18
C ILE A 171 -18.51 7.51 -8.61
N LEU A 172 -18.45 6.23 -9.01
CA LEU A 172 -19.64 5.47 -9.39
C LEU A 172 -20.64 5.31 -8.23
N HIS A 173 -20.13 5.17 -6.97
CA HIS A 173 -20.98 5.07 -5.77
C HIS A 173 -21.14 6.43 -5.09
N TRP A 174 -20.51 7.48 -5.68
CA TRP A 174 -20.49 8.87 -5.22
C TRP A 174 -20.11 8.99 -3.70
N ASN A 175 -19.05 8.24 -3.31
CA ASN A 175 -18.39 8.17 -2.01
C ASN A 175 -17.45 9.40 -1.91
N THR A 176 -18.05 10.58 -1.79
CA THR A 176 -17.38 11.88 -1.79
C THR A 176 -16.45 12.10 -0.59
N GLU A 177 -16.70 11.39 0.53
CA GLU A 177 -15.86 11.45 1.75
C GLU A 177 -14.50 10.83 1.44
N TYR A 178 -14.54 9.62 0.81
CA TYR A 178 -13.38 8.86 0.34
C TYR A 178 -12.63 9.66 -0.74
N LEU A 179 -13.38 10.39 -1.59
CA LEU A 179 -12.87 11.24 -2.67
C LEU A 179 -12.21 12.51 -2.15
N ALA A 180 -12.43 12.86 -0.87
CA ALA A 180 -11.80 14.02 -0.26
C ALA A 180 -10.46 13.61 0.36
N LYS A 181 -10.38 12.33 0.81
CA LYS A 181 -9.21 11.74 1.43
C LYS A 181 -8.52 10.85 0.39
N GLY A 182 -7.84 11.50 -0.56
CA GLY A 182 -7.16 10.80 -1.65
C GLY A 182 -5.84 11.44 -2.02
N GLY A 183 -5.10 10.81 -2.93
CA GLY A 183 -3.80 11.31 -3.36
C GLY A 183 -2.58 10.56 -2.86
N PRO A 184 -1.35 11.08 -3.08
CA PRO A 184 -0.16 10.30 -2.71
C PRO A 184 0.29 10.44 -1.25
N ILE A 185 -0.23 11.44 -0.53
CA ILE A 185 0.14 11.75 0.86
C ILE A 185 -1.05 12.19 1.74
N LEU A 186 -1.21 11.51 2.87
CA LEU A 186 -2.16 11.87 3.91
C LEU A 186 -1.23 12.38 5.01
N PRO A 187 -1.05 13.72 5.14
CA PRO A 187 -0.09 14.24 6.13
C PRO A 187 -0.41 13.85 7.56
N GLN A 188 0.63 13.83 8.40
CA GLN A 188 0.58 13.50 9.82
C GLN A 188 -0.33 14.50 10.53
N GLN A 189 -1.41 13.98 11.13
CA GLN A 189 -2.44 14.75 11.84
C GLN A 189 -2.82 14.01 13.12
N GLY A 190 -2.42 14.57 14.26
CA GLY A 190 -2.72 13.98 15.56
C GLY A 190 -2.03 12.66 15.76
N LYS A 191 -2.81 11.61 16.12
CA LYS A 191 -2.23 10.26 16.30
C LYS A 191 -2.17 9.49 14.96
N PHE A 192 -2.57 10.15 13.85
CA PHE A 192 -2.46 9.57 12.51
C PHE A 192 -1.07 9.86 11.99
N ILE A 193 -0.31 8.80 11.76
CA ILE A 193 1.04 8.83 11.19
C ILE A 193 0.90 9.15 9.69
N LYS A 194 1.81 9.99 9.16
CA LYS A 194 1.89 10.37 7.75
C LYS A 194 1.86 9.10 6.90
N LYS A 195 0.95 9.05 5.93
CA LYS A 195 0.85 7.89 5.04
C LYS A 195 1.29 8.31 3.63
N VAL A 196 2.17 7.52 3.00
CA VAL A 196 2.70 7.82 1.66
C VAL A 196 2.60 6.61 0.70
N LYS A 197 2.52 6.94 -0.60
CA LYS A 197 2.39 6.03 -1.72
C LYS A 197 3.54 6.35 -2.70
N PRO A 198 4.74 5.78 -2.52
CA PRO A 198 5.83 6.12 -3.45
C PRO A 198 5.65 5.61 -4.90
N LEU A 199 4.78 4.59 -5.11
CA LEU A 199 4.44 3.97 -6.41
C LEU A 199 3.21 4.63 -7.09
N TYR A 200 2.76 5.77 -6.55
CA TYR A 200 1.61 6.54 -7.03
C TYR A 200 1.58 6.78 -8.53
N GLU A 201 2.73 7.03 -9.13
CA GLU A 201 2.78 7.38 -10.55
C GLU A 201 3.30 6.26 -11.45
N VAL A 202 3.40 5.02 -10.92
CA VAL A 202 3.86 3.86 -11.68
C VAL A 202 2.69 2.87 -11.91
N THR A 203 2.61 2.30 -13.12
CA THR A 203 1.53 1.37 -13.48
C THR A 203 1.75 0.01 -12.85
N GLU A 204 0.69 -0.78 -12.70
CA GLU A 204 0.69 -2.15 -12.16
C GLU A 204 1.56 -3.06 -13.03
N ARG A 205 1.52 -2.83 -14.36
CA ARG A 205 2.32 -3.50 -15.38
C ARG A 205 3.82 -3.29 -15.10
N GLU A 206 4.21 -2.04 -14.75
CA GLU A 206 5.59 -1.63 -14.44
C GLU A 206 6.02 -2.24 -13.12
N VAL A 207 5.09 -2.35 -12.15
CA VAL A 207 5.33 -2.99 -10.85
C VAL A 207 5.59 -4.50 -11.06
N VAL A 208 4.72 -5.20 -11.81
CA VAL A 208 4.88 -6.63 -12.14
C VAL A 208 6.28 -6.82 -12.75
N ALA A 209 6.63 -6.02 -13.79
CA ALA A 209 7.93 -6.13 -14.46
C ALA A 209 9.13 -5.88 -13.53
N TYR A 210 8.97 -4.97 -12.55
CA TYR A 210 10.05 -4.70 -11.59
C TYR A 210 10.25 -5.89 -10.63
N ALA A 211 9.16 -6.44 -10.08
CA ALA A 211 9.17 -7.60 -9.17
C ALA A 211 9.88 -8.80 -9.80
N LEU A 212 9.60 -9.10 -11.08
CA LEU A 212 10.19 -10.23 -11.80
C LEU A 212 11.65 -10.02 -12.16
N ALA A 213 12.04 -8.77 -12.48
CA ALA A 213 13.43 -8.45 -12.85
C ALA A 213 14.40 -8.45 -11.68
N VAL A 214 13.92 -8.11 -10.47
CA VAL A 214 14.77 -8.05 -9.26
C VAL A 214 14.71 -9.36 -8.43
N GLY A 215 13.88 -10.31 -8.86
CA GLY A 215 13.76 -11.61 -8.21
C GLY A 215 12.82 -11.73 -7.02
N LEU A 216 11.87 -10.77 -6.87
CA LEU A 216 10.85 -10.79 -5.83
C LEU A 216 9.73 -11.79 -6.18
N GLU A 217 9.41 -12.69 -5.24
CA GLU A 217 8.32 -13.68 -5.38
C GLU A 217 7.19 -13.20 -4.49
N TYR A 218 5.97 -13.12 -5.05
CA TYR A 218 4.81 -12.57 -4.34
C TYR A 218 3.54 -13.40 -4.54
N ILE A 219 2.52 -13.13 -3.71
CA ILE A 219 1.18 -13.73 -3.81
C ILE A 219 0.24 -12.80 -4.54
N VAL A 220 -0.55 -13.39 -5.47
CA VAL A 220 -1.54 -12.67 -6.31
C VAL A 220 -2.76 -12.32 -5.47
N GLU A 221 -3.37 -13.32 -4.81
CA GLU A 221 -4.51 -13.08 -3.93
C GLU A 221 -4.10 -13.15 -2.48
N GLU A 222 -4.48 -12.13 -1.70
CA GLU A 222 -4.21 -12.03 -0.27
C GLU A 222 -5.27 -12.82 0.53
N CYS A 223 -6.49 -12.98 -0.07
CA CYS A 223 -7.63 -13.66 0.55
C CYS A 223 -8.58 -14.30 -0.48
N PRO A 224 -9.52 -15.21 -0.07
CA PRO A 224 -10.49 -15.73 -1.03
C PRO A 224 -11.79 -14.91 -1.07
N TYR A 225 -11.80 -13.75 -0.38
CA TYR A 225 -12.98 -12.89 -0.24
C TYR A 225 -12.98 -11.64 -1.14
N ALA A 226 -11.84 -11.35 -1.81
CA ALA A 226 -11.65 -10.23 -2.74
C ALA A 226 -12.51 -10.43 -4.00
N GLY A 228 -15.14 -11.63 -5.53
CA GLY A 228 -14.99 -10.67 -6.62
C GLY A 228 -15.55 -9.30 -6.29
N ALA A 229 -14.65 -8.30 -6.19
CA ALA A 229 -14.98 -6.90 -5.88
C ALA A 229 -14.90 -6.02 -7.13
N THR A 230 -15.39 -4.77 -7.02
CA THR A 230 -15.44 -3.78 -8.10
C THR A 230 -14.07 -3.43 -8.71
N THR A 231 -13.00 -3.30 -7.89
CA THR A 231 -11.64 -2.91 -8.30
C THR A 231 -11.10 -3.69 -9.51
N LEU A 232 -11.34 -5.02 -9.57
CA LEU A 232 -10.88 -5.86 -10.68
C LEU A 232 -11.60 -5.52 -11.99
N ASP A 233 -12.88 -5.10 -11.89
CA ASP A 233 -13.71 -4.69 -13.02
C ASP A 233 -13.23 -3.31 -13.48
N MET A 234 -12.97 -2.40 -12.50
CA MET A 234 -12.50 -1.03 -12.75
C MET A 234 -11.15 -1.02 -13.46
N LYS A 235 -10.23 -1.90 -13.07
CA LYS A 235 -8.92 -1.99 -13.69
C LYS A 235 -9.02 -2.42 -15.13
N GLY A 236 -9.90 -3.38 -15.42
CA GLY A 236 -10.14 -3.87 -16.78
C GLY A 236 -10.75 -2.79 -17.65
N VAL A 237 -11.72 -2.04 -17.07
CA VAL A 237 -12.39 -0.91 -17.71
C VAL A 237 -11.33 0.12 -18.13
N LEU A 238 -10.50 0.56 -17.15
CA LEU A 238 -9.46 1.56 -17.32
C LEU A 238 -8.37 1.14 -18.28
N ASN A 239 -8.07 -0.18 -18.34
CA ASN A 239 -7.09 -0.75 -19.26
C ASN A 239 -7.61 -0.70 -20.68
N GLU A 240 -8.92 -0.99 -20.87
CA GLU A 240 -9.58 -0.93 -22.16
C GLU A 240 -9.57 0.52 -22.65
N LEU A 241 -9.92 1.49 -21.77
CA LEU A 241 -9.91 2.92 -22.08
C LEU A 241 -8.46 3.42 -22.36
N GLU A 242 -7.46 2.87 -21.63
CA GLU A 242 -6.03 3.20 -21.77
C GLU A 242 -5.43 2.69 -23.10
N GLU A 243 -5.82 1.47 -23.54
CA GLU A 243 -5.32 0.92 -24.81
C GLU A 243 -5.99 1.60 -26.02
N LYS A 244 -7.19 2.18 -25.82
CA LYS A 244 -7.95 2.90 -26.85
C LYS A 244 -7.48 4.36 -26.91
N ARG A 245 -7.36 5.00 -25.73
CA ARG A 245 -6.91 6.39 -25.56
C ARG A 245 -5.71 6.43 -24.60
N PRO A 246 -4.47 6.33 -25.11
CA PRO A 246 -3.30 6.38 -24.21
C PRO A 246 -3.22 7.74 -23.51
N GLY A 247 -2.95 7.70 -22.21
CA GLY A 247 -2.89 8.89 -21.36
C GLY A 247 -4.15 9.10 -20.54
N THR A 248 -5.11 8.16 -20.59
CA THR A 248 -6.40 8.24 -19.88
C THR A 248 -6.22 8.17 -18.35
N LYS A 249 -5.54 7.11 -17.85
CA LYS A 249 -5.31 6.86 -16.42
C LYS A 249 -4.64 8.02 -15.73
N PHE A 250 -3.51 8.47 -16.31
CA PHE A 250 -2.71 9.59 -15.81
CA PHE A 250 -2.70 9.58 -15.82
C PHE A 250 -3.56 10.85 -15.68
N ASN A 251 -4.26 11.24 -16.78
CA ASN A 251 -5.12 12.41 -16.87
C ASN A 251 -6.26 12.42 -15.86
N PHE A 252 -6.89 11.25 -15.64
CA PHE A 252 -7.97 11.06 -14.69
C PHE A 252 -7.50 11.36 -13.26
N VAL A 253 -6.28 10.90 -12.92
CA VAL A 253 -5.67 11.08 -11.61
C VAL A 253 -5.12 12.51 -11.45
N ARG A 254 -4.49 13.04 -12.52
CA ARG A 254 -3.94 14.40 -12.56
C ARG A 254 -5.09 15.39 -12.34
N GLY A 255 -6.16 15.21 -13.11
CA GLY A 255 -7.38 16.02 -13.01
C GLY A 255 -8.01 15.94 -11.63
N TYR A 256 -8.03 14.73 -11.07
CA TYR A 256 -8.60 14.47 -9.74
C TYR A 256 -7.89 15.29 -8.68
N LEU A 257 -6.54 15.26 -8.67
CA LEU A 257 -5.71 15.99 -7.71
C LEU A 257 -5.93 17.49 -7.70
N LYS A 258 -6.38 18.06 -8.83
CA LYS A 258 -6.68 19.50 -9.00
C LYS A 258 -8.09 19.85 -8.51
N LYS A 259 -9.02 18.88 -8.55
CA LYS A 259 -10.42 19.09 -8.17
C LYS A 259 -10.80 18.50 -6.82
N LYS A 260 -9.89 17.70 -6.25
CA LYS A 260 -10.00 17.02 -4.96
C LYS A 260 -10.57 17.95 -3.86
N LYS A 261 -10.27 19.26 -3.96
CA LYS A 261 -10.72 20.33 -3.07
C LYS A 261 -12.25 20.34 -2.93
N LEU A 262 -12.98 20.20 -4.07
CA LEU A 262 -14.45 20.22 -4.17
C LEU A 262 -15.18 19.24 -3.25
N PHE A 263 -14.51 18.15 -2.86
CA PHE A 263 -15.08 17.13 -1.99
C PHE A 263 -14.80 17.38 -0.50
N GLU A 264 -13.91 18.36 -0.17
CA GLU A 264 -13.55 18.69 1.23
C GLU A 264 -14.77 19.11 2.06
N PRO A 265 -15.75 19.92 1.57
CA PRO A 265 -16.93 20.22 2.39
C PRO A 265 -17.77 19.00 2.80
N GLU A 266 -17.55 17.82 2.15
CA GLU A 266 -18.27 16.59 2.46
C GLU A 266 -17.72 15.87 3.70
N ILE A 267 -16.57 16.33 4.21
CA ILE A 267 -15.92 15.77 5.39
C ILE A 267 -16.70 16.12 6.65
N LYS A 268 -17.04 15.07 7.44
CA LYS A 268 -17.80 15.20 8.68
C LYS A 268 -16.88 15.50 9.87
N GLU A 269 -16.91 16.77 10.31
CA GLU A 269 -16.12 17.33 11.40
C GLU A 269 -16.72 17.05 12.78
N ILE A 272 -13.42 14.81 15.21
CA ILE A 272 -12.40 13.77 15.39
C ILE A 272 -11.66 13.90 16.73
N LYS A 273 -12.11 13.10 17.72
CA LYS A 273 -11.60 13.03 19.08
C LYS A 273 -10.69 11.80 19.30
N GLU A 274 -10.39 11.47 20.58
CA GLU A 274 -9.55 10.33 20.98
C GLU A 274 -10.43 9.23 21.54
N CYS A 275 -10.17 7.98 21.14
CA CYS A 275 -10.91 6.81 21.61
C CYS A 275 -10.77 6.67 23.11
N LYS A 276 -11.84 6.23 23.78
CA LYS A 276 -11.84 6.09 25.23
C LYS A 276 -11.18 4.78 25.68
N ILE A 277 -10.92 3.86 24.73
CA ILE A 277 -10.25 2.57 24.98
C ILE A 277 -8.76 2.68 24.64
N CYS A 278 -8.42 2.91 23.35
CA CYS A 278 -7.05 2.93 22.85
C CYS A 278 -6.43 4.31 22.71
N ARG A 279 -7.23 5.40 22.84
CA ARG A 279 -6.77 6.79 22.69
C ARG A 279 -6.34 7.12 21.24
N MET A 280 -6.81 6.36 20.25
CA MET A 280 -6.53 6.57 18.84
C MET A 280 -7.65 7.41 18.19
N PRO A 281 -7.42 8.10 17.04
CA PRO A 281 -8.47 8.94 16.45
C PRO A 281 -9.82 8.26 16.26
N SER A 282 -10.83 8.81 16.93
CA SER A 282 -12.19 8.32 16.94
C SER A 282 -13.16 9.45 16.54
N SER A 283 -14.20 9.12 15.76
CA SER A 283 -15.23 10.10 15.39
C SER A 283 -16.25 10.14 16.56
N GLY A 284 -16.49 8.98 17.17
CA GLY A 284 -17.38 8.81 18.32
C GLY A 284 -16.62 8.72 19.63
N ASP A 285 -17.26 8.19 20.68
CA ASP A 285 -16.64 8.03 22.00
C ASP A 285 -15.58 6.93 21.99
N ILE A 286 -15.84 5.84 21.24
CA ILE A 286 -14.98 4.68 21.02
C ILE A 286 -14.79 4.55 19.51
N CYS A 287 -13.55 4.30 19.05
CA CYS A 287 -13.30 4.19 17.61
C CYS A 287 -13.87 2.91 17.01
N ALA A 288 -14.07 2.95 15.68
CA ALA A 288 -14.63 1.88 14.87
C ALA A 288 -13.92 0.53 15.10
N PHE A 289 -12.57 0.49 15.11
CA PHE A 289 -11.80 -0.73 15.36
C PHE A 289 -12.19 -1.37 16.70
N CYS A 290 -12.09 -0.57 17.79
CA CYS A 290 -12.44 -0.97 19.15
C CYS A 290 -13.88 -1.39 19.31
N LYS A 291 -14.81 -0.63 18.66
CA LYS A 291 -16.25 -0.90 18.71
C LYS A 291 -16.55 -2.23 18.05
N PHE A 292 -15.97 -2.48 16.87
CA PHE A 292 -16.14 -3.72 16.10
C PHE A 292 -15.64 -4.97 16.82
N TRP A 293 -14.39 -4.93 17.30
CA TRP A 293 -13.73 -6.04 17.97
C TRP A 293 -14.17 -6.25 19.45
N GLY A 294 -14.99 -5.35 19.98
CA GLY A 294 -15.50 -5.37 21.34
C GLY A 294 -14.39 -5.36 22.37
N LEU A 295 -13.38 -4.47 22.19
CA LEU A 295 -12.23 -4.35 23.07
C LEU A 295 -12.43 -3.30 24.16
N LYS A 296 -12.07 -3.68 25.39
CA LYS A 296 -12.18 -2.81 26.55
C LYS A 296 -10.77 -2.46 27.03
N LYS A 297 -9.74 -3.00 26.34
CA LYS A 297 -8.32 -2.78 26.64
C LYS A 297 -7.53 -2.41 25.39
N GLU A 298 -6.53 -1.54 25.56
CA GLU A 298 -5.65 -1.08 24.50
C GLU A 298 -4.65 -2.18 24.11
N ILE A 299 -4.27 -2.23 22.81
CA ILE A 299 -3.25 -3.15 22.30
C ILE A 299 -1.99 -2.31 22.16
N ASN A 300 -0.92 -2.73 22.83
CA ASN A 300 0.37 -2.05 22.77
C ASN A 300 1.26 -2.73 21.72
N PHE A 301 1.52 -2.01 20.63
CA PHE A 301 2.32 -2.53 19.52
C PHE A 301 3.82 -2.22 19.67
N LYS A 302 4.24 -1.59 20.80
CA LYS A 302 5.65 -1.32 21.07
C LYS A 302 6.48 -2.61 21.15
N VAL A 303 7.45 -2.72 20.24
CA VAL A 303 8.34 -3.85 20.10
C VAL A 303 9.75 -3.44 20.47
N SER A 304 10.51 -4.37 21.08
CA SER A 304 11.90 -4.11 21.43
C SER A 304 12.81 -4.62 20.30
N SER A 305 12.30 -5.57 19.47
CA SER A 305 13.01 -6.22 18.36
C SER A 305 12.08 -7.11 17.54
N THR A 306 12.57 -7.64 16.39
CA THR A 306 11.81 -8.56 15.52
C THR A 306 11.98 -10.00 16.03
N ASP A 307 11.17 -10.95 15.52
CA ASP A 307 11.26 -12.38 15.88
C ASP A 307 12.52 -13.02 15.31
N GLU A 308 12.94 -12.58 14.10
CA GLU A 308 14.12 -13.08 13.40
C GLU A 308 15.42 -12.51 13.97
N GLU A 309 15.33 -11.40 14.73
CA GLU A 309 16.46 -10.78 15.41
C GLU A 309 16.01 -10.43 16.85
N PRO A 310 15.75 -11.44 17.75
CA PRO A 310 15.28 -11.12 19.12
C PRO A 310 16.23 -10.30 19.99
N PHE A 311 17.55 -10.39 19.72
CA PHE A 311 18.58 -9.64 20.44
C PHE A 311 19.04 -8.41 19.59
N GLY A 312 18.31 -8.13 18.50
CA GLY A 312 18.61 -7.03 17.60
C GLY A 312 19.40 -7.43 16.37
ZN ZN B . 19.91 -1.20 -21.78
ZN ZN C . -10.09 2.55 19.99
S4 Q46 D . -9.46 -6.28 2.75
FE1 Q46 D . -10.68 -7.97 1.73
FE3 Q46 D . -8.09 -7.22 1.17
FE2 Q46 D . -8.70 -8.28 3.63
S3 Q46 D . -10.32 -9.81 3.06
FE4 Q46 D . -8.75 -9.88 1.40
S2 Q46 D . -9.51 -8.41 -0.19
S1 Q46 D . -6.91 -8.83 2.31
S5 Q46 D . -6.25 -6.22 0.07
#